data_2V3N
#
_entry.id   2V3N
#
_cell.length_a   100.830
_cell.length_b   100.830
_cell.length_c   130.215
_cell.angle_alpha   90.00
_cell.angle_beta   90.00
_cell.angle_gamma   120.00
#
_symmetry.space_group_name_H-M   'P 31 2 1'
#
loop_
_entity.id
_entity.type
_entity.pdbx_description
1 polymer TRANSCOBALAMIN-2
2 non-polymer COBALAMIN
3 non-polymer 'CYANIDE ION'
4 non-polymer 'CHLORIDE ION'
5 water water
#
_entity_poly.entity_id   1
_entity_poly.type   'polypeptide(L)'
_entity_poly.pdbx_seq_one_letter_code
;NICEITEVDSTLVERLGQRLLPWMDRLSQEQLNPSIYVGLRLSSLQAGAKEAHYLHSLKLSYQQSLLRPASNKDDNDSEA
KPSMGQLALYLLALRANCEFIGGRKGDRLVSQLKRFLEDEKRAIGHNHQGHPRTSYYQYSLGILALCVHQKRVHDSVVGK
LLYAVEHKPHLLQDHVSVDTMAMAGMAFSCLELSNLNPKQRNRINLALKRVQEKILKAQTPEGYFGNVYSTPLALQLLMG
SLRPSVELGTACLKAKAALQASLQHKTFQNPLMISQLLPVLNQKSYVDLISPDCQAPRALLEPALETPPQAKVPKFIDVL
LKVSGISPSYRHSVSVPAGSSLEDILKNAQEHGRFRFRTQASLSGPFLTSVLGRKAGEREFWQVLRDPDTPLQQGIADYR
PKDGETIELRLVGW
;
_entity_poly.pdbx_strand_id   A
#
# COMPACT_ATOMS: atom_id res chain seq x y z
N ASN A 1 16.54 -12.06 15.69
CA ASN A 1 15.10 -11.84 15.98
C ASN A 1 14.21 -12.92 15.38
N ILE A 2 13.25 -13.40 16.19
CA ILE A 2 12.41 -14.53 15.81
C ILE A 2 11.35 -14.19 14.77
N CYS A 3 11.03 -12.89 14.65
CA CYS A 3 10.01 -12.42 13.72
C CYS A 3 10.60 -12.03 12.36
N GLU A 4 11.89 -12.26 12.18
CA GLU A 4 12.55 -11.92 10.93
C GLU A 4 12.60 -13.07 9.95
N ILE A 5 12.41 -12.75 8.67
CA ILE A 5 12.59 -13.73 7.61
C ILE A 5 14.09 -13.95 7.49
N THR A 6 14.53 -15.06 8.09
CA THR A 6 15.94 -15.41 8.14
C THR A 6 16.33 -16.15 6.86
N GLU A 7 15.45 -17.02 6.38
CA GLU A 7 15.72 -17.85 5.20
C GLU A 7 14.78 -17.50 4.06
N VAL A 8 15.37 -17.21 2.90
CA VAL A 8 14.61 -17.04 1.65
C VAL A 8 15.39 -17.48 0.44
N ASP A 9 14.67 -18.05 -0.51
CA ASP A 9 15.26 -18.47 -1.77
C ASP A 9 15.59 -17.24 -2.61
N SER A 10 16.86 -17.07 -2.95
CA SER A 10 17.29 -15.90 -3.70
C SER A 10 16.60 -15.77 -5.07
N THR A 11 16.25 -16.89 -5.70
CA THR A 11 15.58 -16.86 -7.01
C THR A 11 14.11 -16.45 -6.91
N LEU A 12 13.50 -16.68 -5.75
CA LEU A 12 12.15 -16.18 -5.50
C LEU A 12 12.19 -14.67 -5.39
N VAL A 13 13.07 -14.16 -4.54
CA VAL A 13 13.24 -12.73 -4.34
C VAL A 13 13.54 -12.05 -5.68
N GLU A 14 14.39 -12.69 -6.49
CA GLU A 14 14.81 -12.14 -7.79
C GLU A 14 13.67 -12.09 -8.81
N ARG A 15 12.73 -13.02 -8.71
CA ARG A 15 11.53 -13.04 -9.55
C ARG A 15 10.60 -11.91 -9.17
N LEU A 16 10.44 -11.72 -7.86
CA LEU A 16 9.61 -10.67 -7.32
C LEU A 16 10.12 -9.32 -7.78
N GLY A 17 11.43 -9.10 -7.56
CA GLY A 17 12.11 -7.87 -7.95
C GLY A 17 12.01 -7.67 -9.44
N GLN A 18 12.04 -8.78 -10.17
CA GLN A 18 11.86 -8.80 -11.61
C GLN A 18 10.53 -8.17 -12.04
N ARG A 19 9.49 -8.31 -11.21
CA ARG A 19 8.20 -7.74 -11.54
C ARG A 19 8.15 -6.21 -11.39
N LEU A 20 8.99 -5.65 -10.51
CA LEU A 20 9.07 -4.19 -10.32
C LEU A 20 9.91 -3.47 -11.40
N LEU A 21 10.94 -4.15 -11.89
CA LEU A 21 11.84 -3.61 -12.91
C LEU A 21 11.17 -2.86 -14.10
N PRO A 22 10.14 -3.44 -14.75
CA PRO A 22 9.53 -2.67 -15.84
C PRO A 22 8.96 -1.33 -15.40
N TRP A 23 8.58 -1.21 -14.13
CA TRP A 23 7.95 0.01 -13.63
C TRP A 23 8.94 1.18 -13.54
N MET A 24 10.24 0.86 -13.52
CA MET A 24 11.29 1.85 -13.44
C MET A 24 11.45 2.66 -14.72
N ASP A 25 10.77 2.23 -15.79
CA ASP A 25 10.72 2.98 -17.04
C ASP A 25 9.39 3.70 -17.21
N ARG A 26 8.54 3.60 -16.21
CA ARG A 26 7.21 4.19 -16.31
C ARG A 26 7.14 5.46 -15.46
N LEU A 27 7.53 6.56 -16.09
CA LEU A 27 7.84 7.80 -15.38
C LEU A 27 6.80 8.91 -15.54
N SER A 28 5.66 8.59 -16.15
CA SER A 28 4.57 9.57 -16.24
C SER A 28 3.99 9.82 -14.84
N GLN A 29 3.37 10.97 -14.67
CA GLN A 29 2.80 11.37 -13.40
C GLN A 29 1.93 10.31 -12.74
N GLU A 30 1.16 9.55 -13.53
CA GLU A 30 0.23 8.58 -12.95
C GLU A 30 0.85 7.24 -12.67
N GLN A 31 1.98 6.97 -13.30
CA GLN A 31 2.70 5.72 -13.08
C GLN A 31 3.67 5.84 -11.93
N LEU A 32 4.18 7.04 -11.68
CA LEU A 32 5.24 7.25 -10.68
C LEU A 32 4.78 6.83 -9.31
N ASN A 33 5.63 6.07 -8.62
CA ASN A 33 5.20 5.36 -7.44
C ASN A 33 6.26 5.30 -6.35
N PRO A 34 6.20 6.26 -5.41
CA PRO A 34 7.24 6.33 -4.38
C PRO A 34 7.34 5.03 -3.61
N SER A 35 6.24 4.29 -3.49
CA SER A 35 6.29 3.01 -2.77
C SER A 35 7.19 1.93 -3.40
N ILE A 36 7.28 1.93 -4.74
CA ILE A 36 8.16 0.98 -5.43
C ILE A 36 9.62 1.33 -5.16
N TYR A 37 9.96 2.60 -5.23
CA TYR A 37 11.32 3.07 -4.96
C TYR A 37 11.77 2.68 -3.55
N VAL A 38 10.92 2.92 -2.56
CA VAL A 38 11.26 2.61 -1.17
C VAL A 38 11.47 1.09 -1.03
N GLY A 39 10.55 0.31 -1.62
CA GLY A 39 10.62 -1.14 -1.59
C GLY A 39 11.95 -1.66 -2.06
N LEU A 40 12.38 -1.22 -3.24
CA LEU A 40 13.69 -1.59 -3.78
C LEU A 40 14.87 -1.15 -2.92
N ARG A 41 14.88 0.11 -2.46
CA ARG A 41 16.01 0.59 -1.65
C ARG A 41 16.12 -0.21 -0.35
N LEU A 42 14.98 -0.62 0.20
CA LEU A 42 15.04 -1.38 1.44
C LEU A 42 15.26 -2.86 1.18
N SER A 43 15.29 -3.25 -0.09
CA SER A 43 15.47 -4.66 -0.47
C SER A 43 16.93 -5.04 -0.64
N SER A 44 17.15 -6.29 -1.02
CA SER A 44 18.46 -6.81 -1.31
C SER A 44 18.76 -6.72 -2.82
N LEU A 45 17.86 -6.06 -3.55
CA LEU A 45 17.97 -5.96 -5.01
C LEU A 45 18.07 -4.52 -5.44
N GLN A 46 18.65 -4.34 -6.62
CA GLN A 46 18.74 -3.02 -7.25
C GLN A 46 18.26 -3.07 -8.69
N ALA A 47 17.63 -1.99 -9.14
CA ALA A 47 16.97 -1.95 -10.45
C ALA A 47 17.76 -1.13 -11.45
N GLY A 48 19.03 -1.49 -11.70
CA GLY A 48 19.99 -0.59 -12.36
C GLY A 48 20.20 0.68 -11.51
N ALA A 49 20.89 1.68 -12.06
CA ALA A 49 20.76 3.07 -11.55
C ALA A 49 19.64 3.74 -12.33
N LYS A 50 18.78 2.90 -12.92
CA LYS A 50 17.43 3.29 -13.28
C LYS A 50 16.78 3.96 -12.04
N GLU A 51 17.26 3.58 -10.86
CA GLU A 51 16.75 4.06 -9.57
C GLU A 51 16.90 5.57 -9.38
N ALA A 52 18.10 6.10 -9.63
CA ALA A 52 18.39 7.51 -9.41
C ALA A 52 17.51 8.40 -10.27
N HIS A 53 17.42 8.09 -11.56
CA HIS A 53 16.49 8.73 -12.44
C HIS A 53 15.04 8.64 -11.93
N TYR A 54 14.65 7.50 -11.37
CA TYR A 54 13.30 7.36 -10.83
C TYR A 54 13.04 8.39 -9.74
N LEU A 55 13.92 8.40 -8.73
CA LEU A 55 13.83 9.34 -7.62
C LEU A 55 13.84 10.78 -8.11
N HIS A 56 14.75 11.08 -9.04
CA HIS A 56 14.82 12.42 -9.61
C HIS A 56 13.48 12.79 -10.24
N SER A 57 12.87 11.85 -10.97
CA SER A 57 11.53 12.02 -11.56
C SER A 57 10.49 12.28 -10.50
N LEU A 58 10.52 11.51 -9.42
CA LEU A 58 9.64 11.77 -8.27
C LEU A 58 9.79 13.20 -7.79
N LYS A 59 11.03 13.67 -7.62
CA LYS A 59 11.29 15.00 -7.10
C LYS A 59 10.70 16.10 -7.98
N LEU A 60 11.00 16.08 -9.28
CA LEU A 60 10.51 17.08 -10.22
C LEU A 60 8.98 17.08 -10.25
N SER A 61 8.40 15.88 -10.27
CA SER A 61 6.97 15.71 -10.39
C SER A 61 6.20 16.10 -9.13
N TYR A 62 6.61 15.59 -7.98
CA TYR A 62 5.98 15.95 -6.71
C TYR A 62 6.15 17.40 -6.33
N GLN A 63 7.26 18.01 -6.72
CA GLN A 63 7.43 19.43 -6.47
C GLN A 63 6.57 20.28 -7.40
N GLN A 64 6.68 20.08 -8.72
CA GLN A 64 5.94 20.93 -9.66
C GLN A 64 4.41 20.80 -9.52
N SER A 65 3.93 19.65 -9.05
CA SER A 65 2.50 19.40 -8.92
C SER A 65 1.95 20.01 -7.65
N LEU A 66 2.72 19.90 -6.57
CA LEU A 66 2.25 20.30 -5.26
C LEU A 66 2.60 21.74 -4.89
N LEU A 67 3.48 22.38 -5.65
CA LEU A 67 3.92 23.73 -5.33
C LEU A 67 3.48 24.79 -6.36
N ARG A 68 2.57 24.39 -7.25
CA ARG A 68 1.94 25.31 -8.22
C ARG A 68 1.38 26.60 -7.58
N PRO A 69 1.49 27.75 -8.30
CA PRO A 69 1.11 29.11 -7.84
C PRO A 69 -0.21 29.24 -7.03
N ALA A 70 -0.33 30.38 -6.31
CA ALA A 70 -1.45 30.71 -5.41
C ALA A 70 -2.87 30.41 -5.95
N SER A 71 -3.13 30.85 -7.19
CA SER A 71 -4.30 30.43 -7.94
C SER A 71 -3.89 30.16 -9.41
N ASN A 72 -4.31 29.01 -9.94
CA ASN A 72 -4.02 28.66 -11.34
C ASN A 72 -4.83 29.49 -12.34
N LYS A 73 -4.21 29.82 -13.47
CA LYS A 73 -4.81 30.68 -14.50
C LYS A 73 -6.04 30.03 -15.16
N ASP A 74 -7.21 30.37 -14.61
CA ASP A 74 -8.53 30.00 -15.18
C ASP A 74 -8.80 28.50 -15.45
N ASP A 75 -8.68 27.65 -14.42
CA ASP A 75 -9.04 26.21 -14.53
C ASP A 75 -9.59 25.56 -13.26
N ASN A 76 -9.01 25.89 -12.09
CA ASN A 76 -9.33 25.27 -10.79
C ASN A 76 -9.12 23.75 -10.70
N ASP A 77 -8.26 23.22 -11.57
CA ASP A 77 -8.07 21.77 -11.71
C ASP A 77 -6.77 21.40 -12.45
N SER A 78 -6.73 21.76 -13.75
CA SER A 78 -5.72 21.27 -14.73
C SER A 78 -4.53 20.45 -14.20
N GLU A 79 -4.62 19.13 -14.45
CA GLU A 79 -3.60 18.13 -14.06
C GLU A 79 -3.67 17.76 -12.55
N ALA A 80 -4.56 16.80 -12.23
CA ALA A 80 -4.72 16.31 -10.85
C ALA A 80 -3.39 15.81 -10.29
N LYS A 81 -3.06 16.35 -9.11
CA LYS A 81 -1.77 16.20 -8.44
C LYS A 81 -1.74 15.00 -7.47
N PRO A 82 -0.54 14.64 -6.93
CA PRO A 82 -0.48 13.64 -5.87
C PRO A 82 -1.26 14.02 -4.60
N SER A 83 -1.76 12.99 -3.92
CA SER A 83 -2.46 13.16 -2.66
C SER A 83 -1.46 13.31 -1.52
N MET A 84 -1.97 13.64 -0.34
CA MET A 84 -1.12 13.83 0.82
C MET A 84 -0.53 12.53 1.32
N GLY A 85 -1.29 11.43 1.21
CA GLY A 85 -0.77 10.10 1.55
C GLY A 85 0.42 9.71 0.67
N GLN A 86 0.31 10.08 -0.60
CA GLN A 86 1.37 9.86 -1.57
C GLN A 86 2.58 10.74 -1.27
N LEU A 87 2.31 11.98 -0.84
CA LEU A 87 3.35 12.87 -0.34
C LEU A 87 4.09 12.23 0.82
N ALA A 88 3.35 11.66 1.75
CA ALA A 88 3.96 10.89 2.83
C ALA A 88 4.87 9.78 2.28
N LEU A 89 4.44 9.08 1.23
CA LEU A 89 5.31 8.04 0.70
C LEU A 89 6.52 8.65 0.00
N TYR A 90 6.29 9.77 -0.68
CA TYR A 90 7.41 10.48 -1.29
C TYR A 90 8.47 10.83 -0.23
N LEU A 91 8.04 11.33 0.93
CA LEU A 91 8.99 11.57 2.02
C LEU A 91 9.75 10.30 2.45
N LEU A 92 9.06 9.17 2.59
CA LEU A 92 9.75 7.91 2.81
C LEU A 92 10.76 7.66 1.71
N ALA A 93 10.40 7.96 0.46
CA ALA A 93 11.35 7.81 -0.65
C ALA A 93 12.65 8.60 -0.43
N LEU A 94 12.54 9.86 -0.02
CA LEU A 94 13.75 10.65 0.21
C LEU A 94 14.66 9.98 1.24
N ARG A 95 14.10 9.51 2.35
CA ARG A 95 14.94 8.88 3.38
C ARG A 95 15.65 7.65 2.83
N ALA A 96 15.00 6.98 1.90
CA ALA A 96 15.54 5.74 1.32
C ALA A 96 16.77 6.05 0.49
N ASN A 97 16.95 7.35 0.20
CA ASN A 97 18.14 7.80 -0.49
C ASN A 97 19.04 8.55 0.49
N CYS A 98 18.79 8.33 1.77
CA CYS A 98 19.55 8.96 2.85
C CYS A 98 19.54 10.48 2.76
N GLU A 99 18.40 11.04 2.34
CA GLU A 99 18.22 12.47 2.32
C GLU A 99 17.20 12.90 3.35
N PHE A 100 17.46 14.03 4.02
CA PHE A 100 16.42 14.73 4.77
C PHE A 100 15.76 15.77 3.89
N ILE A 101 14.44 15.86 3.96
CA ILE A 101 13.74 16.91 3.23
C ILE A 101 14.25 18.27 3.71
N GLY A 102 14.39 19.21 2.79
CA GLY A 102 14.96 20.50 3.13
C GLY A 102 14.74 21.56 2.08
N GLY A 103 15.20 22.76 2.39
CA GLY A 103 15.03 23.87 1.50
C GLY A 103 13.65 24.48 1.69
N ARG A 104 13.37 25.51 0.90
CA ARG A 104 12.11 26.21 1.00
C ARG A 104 10.97 25.35 0.46
N LYS A 105 11.26 24.61 -0.59
CA LYS A 105 10.34 23.65 -1.17
C LYS A 105 10.06 22.54 -0.17
N GLY A 106 11.10 22.08 0.53
CA GLY A 106 10.94 21.07 1.58
C GLY A 106 9.97 21.50 2.67
N ASP A 107 10.19 22.69 3.23
CA ASP A 107 9.30 23.27 4.24
C ASP A 107 7.84 23.33 3.79
N ARG A 108 7.63 23.79 2.56
CA ARG A 108 6.28 23.92 2.00
C ARG A 108 5.56 22.56 1.94
N LEU A 109 6.29 21.49 1.59
CA LEU A 109 5.72 20.16 1.53
C LEU A 109 5.42 19.58 2.94
N VAL A 110 6.35 19.76 3.86
CA VAL A 110 6.15 19.38 5.26
C VAL A 110 4.87 20.09 5.80
N SER A 111 4.74 21.38 5.50
CA SER A 111 3.55 22.15 5.86
C SER A 111 2.30 21.51 5.29
N GLN A 112 2.35 21.14 4.01
CA GLN A 112 1.21 20.53 3.37
C GLN A 112 0.84 19.25 4.09
N LEU A 113 1.85 18.50 4.52
CA LEU A 113 1.58 17.26 5.21
C LEU A 113 0.94 17.53 6.56
N LYS A 114 1.47 18.52 7.28
CA LYS A 114 0.96 18.86 8.60
C LYS A 114 -0.47 19.39 8.56
N ARG A 115 -0.76 20.21 7.55
CA ARG A 115 -2.10 20.69 7.30
C ARG A 115 -3.07 19.54 7.07
N PHE A 116 -2.63 18.54 6.28
CA PHE A 116 -3.41 17.33 6.05
C PHE A 116 -3.78 16.69 7.38
N LEU A 117 -2.79 16.43 8.22
CA LEU A 117 -3.04 15.81 9.53
C LEU A 117 -3.98 16.65 10.38
N GLU A 118 -3.75 17.95 10.39
CA GLU A 118 -4.58 18.88 11.12
C GLU A 118 -6.04 18.76 10.68
N ASP A 119 -6.26 18.72 9.37
CA ASP A 119 -7.59 18.57 8.79
C ASP A 119 -8.23 17.22 9.08
N GLU A 120 -7.44 16.14 9.05
CA GLU A 120 -7.94 14.84 9.49
C GLU A 120 -8.32 14.85 10.97
N LYS A 121 -7.46 15.42 11.81
CA LYS A 121 -7.74 15.60 13.24
C LYS A 121 -9.13 16.23 13.45
N ARG A 122 -9.39 17.33 12.73
CA ARG A 122 -10.67 18.05 12.81
C ARG A 122 -11.83 17.21 12.31
N ALA A 123 -11.62 16.45 11.24
CA ALA A 123 -12.67 15.58 10.68
C ALA A 123 -13.08 14.48 11.64
N ILE A 124 -12.09 13.90 12.31
CA ILE A 124 -12.32 12.90 13.34
C ILE A 124 -13.13 13.53 14.48
N GLY A 125 -12.59 14.58 15.09
CA GLY A 125 -13.36 15.40 16.02
C GLY A 125 -13.11 15.25 17.51
N HIS A 126 -13.41 16.35 18.22
CA HIS A 126 -13.83 16.37 19.64
C HIS A 126 -13.52 15.13 20.48
N ASN A 127 -14.41 14.15 20.36
CA ASN A 127 -14.29 12.82 20.97
C ASN A 127 -14.74 11.77 19.97
N HIS A 128 -14.23 11.90 18.75
CA HIS A 128 -14.13 10.80 17.77
C HIS A 128 -15.42 10.27 17.15
N GLN A 129 -16.51 11.03 17.27
CA GLN A 129 -17.73 10.72 16.53
C GLN A 129 -17.58 11.28 15.11
N GLY A 130 -16.71 10.66 14.32
CA GLY A 130 -16.33 11.18 13.01
C GLY A 130 -15.14 10.43 12.44
N HIS A 131 -15.06 10.38 11.11
CA HIS A 131 -14.06 9.58 10.41
C HIS A 131 -13.00 10.50 9.84
N PRO A 132 -11.79 9.96 9.55
CA PRO A 132 -10.87 10.71 8.71
C PRO A 132 -11.43 10.73 7.30
N ARG A 133 -11.24 11.84 6.59
CA ARG A 133 -11.70 11.93 5.21
C ARG A 133 -11.04 10.85 4.37
N THR A 134 -9.76 10.57 4.62
CA THR A 134 -9.07 9.46 3.96
C THR A 134 -9.18 8.21 4.83
N SER A 135 -8.20 7.97 5.71
CA SER A 135 -8.23 6.78 6.58
C SER A 135 -7.14 6.86 7.65
N TYR A 136 -7.25 6.01 8.67
CA TYR A 136 -6.21 5.90 9.71
C TYR A 136 -4.89 5.40 9.18
N TYR A 137 -4.94 4.66 8.09
CA TYR A 137 -3.73 4.18 7.43
C TYR A 137 -2.89 5.35 6.96
N GLN A 138 -3.51 6.30 6.25
CA GLN A 138 -2.79 7.48 5.78
C GLN A 138 -2.48 8.43 6.93
N TYR A 139 -3.40 8.53 7.90
CA TYR A 139 -3.12 9.30 9.09
C TYR A 139 -1.78 8.83 9.68
N SER A 140 -1.69 7.53 9.97
CA SER A 140 -0.47 6.92 10.53
C SER A 140 0.75 7.13 9.64
N LEU A 141 0.57 6.90 8.35
CA LEU A 141 1.62 7.06 7.37
C LEU A 141 2.18 8.48 7.37
N GLY A 142 1.31 9.48 7.42
CA GLY A 142 1.74 10.88 7.55
C GLY A 142 2.64 11.16 8.75
N ILE A 143 2.21 10.65 9.91
CA ILE A 143 2.99 10.75 11.13
C ILE A 143 4.32 10.04 10.95
N LEU A 144 4.31 8.82 10.41
CA LEU A 144 5.54 8.08 10.24
C LEU A 144 6.49 8.79 9.26
N ALA A 145 5.92 9.37 8.22
CA ALA A 145 6.69 10.09 7.20
C ALA A 145 7.40 11.32 7.77
N LEU A 146 6.74 12.05 8.65
CA LEU A 146 7.33 13.24 9.26
C LEU A 146 8.34 12.84 10.32
N CYS A 147 8.00 11.82 11.09
CA CYS A 147 8.87 11.30 12.12
C CYS A 147 10.24 10.91 11.56
N VAL A 148 10.28 10.14 10.48
CA VAL A 148 11.57 9.69 9.93
C VAL A 148 12.45 10.83 9.44
N HIS A 149 11.84 11.99 9.21
CA HIS A 149 12.58 13.21 8.84
C HIS A 149 12.83 14.11 10.04
N GLN A 150 12.69 13.54 11.24
CA GLN A 150 12.82 14.27 12.51
C GLN A 150 11.84 15.46 12.63
N LYS A 151 10.74 15.43 11.89
CA LYS A 151 9.72 16.48 12.00
C LYS A 151 8.67 16.11 13.04
N ARG A 152 8.41 17.06 13.94
CA ARG A 152 7.47 16.85 15.03
C ARG A 152 6.07 17.17 14.58
N VAL A 153 5.11 16.34 14.98
CA VAL A 153 3.72 16.74 14.84
C VAL A 153 3.12 17.10 16.20
N HIS A 154 2.06 17.90 16.14
CA HIS A 154 1.33 18.32 17.32
C HIS A 154 0.90 17.14 18.18
N ASP A 155 1.07 17.29 19.49
CA ASP A 155 0.61 16.29 20.46
C ASP A 155 -0.87 15.90 20.22
N SER A 156 -1.69 16.90 19.87
CA SER A 156 -3.12 16.70 19.57
C SER A 156 -3.37 15.84 18.32
N VAL A 157 -2.45 15.90 17.36
CA VAL A 157 -2.57 15.10 16.16
C VAL A 157 -2.30 13.64 16.49
N VAL A 158 -1.21 13.39 17.22
CA VAL A 158 -0.83 12.02 17.65
C VAL A 158 -1.90 11.45 18.56
N GLY A 159 -2.43 12.29 19.44
CA GLY A 159 -3.55 11.92 20.31
C GLY A 159 -4.68 11.18 19.61
N LYS A 160 -5.10 11.73 18.46
CA LYS A 160 -6.16 11.14 17.65
C LYS A 160 -5.82 9.73 17.23
N LEU A 161 -4.56 9.48 16.88
CA LEU A 161 -4.15 8.13 16.51
C LEU A 161 -4.16 7.21 17.73
N LEU A 162 -3.56 7.70 18.82
CA LEU A 162 -3.48 6.92 20.04
C LEU A 162 -4.86 6.51 20.50
N TYR A 163 -5.78 7.48 20.59
CA TYR A 163 -7.15 7.22 21.02
C TYR A 163 -7.83 6.17 20.15
N ALA A 164 -7.69 6.28 18.83
CA ALA A 164 -8.31 5.32 17.93
C ALA A 164 -7.80 3.90 18.16
N VAL A 165 -6.51 3.77 18.48
CA VAL A 165 -5.90 2.47 18.79
C VAL A 165 -6.36 1.98 20.16
N GLU A 166 -6.33 2.87 21.14
CA GLU A 166 -6.63 2.56 22.53
C GLU A 166 -8.09 2.11 22.79
N HIS A 167 -9.03 2.60 21.97
CA HIS A 167 -10.45 2.36 22.19
C HIS A 167 -11.18 1.74 20.99
N SER A 177 -7.78 -2.97 8.93
CA SER A 177 -7.48 -3.79 10.08
C SER A 177 -5.95 -3.95 10.22
N VAL A 178 -5.41 -5.15 9.98
CA VAL A 178 -3.99 -5.43 10.26
C VAL A 178 -3.06 -4.42 9.62
N ASP A 179 -3.33 -4.11 8.35
CA ASP A 179 -2.54 -3.13 7.61
C ASP A 179 -2.50 -1.79 8.33
N THR A 180 -3.66 -1.33 8.81
CA THR A 180 -3.74 -0.09 9.58
C THR A 180 -2.99 -0.22 10.92
N MET A 181 -3.19 -1.33 11.63
CA MET A 181 -2.50 -1.58 12.89
CA MET A 181 -2.50 -1.56 12.89
C MET A 181 -0.98 -1.53 12.71
N ALA A 182 -0.48 -2.23 11.69
CA ALA A 182 0.96 -2.24 11.42
C ALA A 182 1.48 -0.83 11.17
N MET A 183 0.77 -0.08 10.33
CA MET A 183 1.17 1.28 10.00
C MET A 183 1.08 2.23 11.21
N ALA A 184 -0.02 2.19 11.94
CA ALA A 184 -0.10 2.93 13.19
C ALA A 184 1.08 2.53 14.10
N GLY A 185 1.38 1.22 14.12
CA GLY A 185 2.41 0.69 14.97
C GLY A 185 3.75 1.28 14.63
N MET A 186 4.09 1.28 13.34
CA MET A 186 5.38 1.79 12.90
C MET A 186 5.53 3.29 13.19
N ALA A 187 4.43 4.04 13.06
CA ALA A 187 4.42 5.45 13.45
C ALA A 187 4.78 5.62 14.92
N PHE A 188 4.08 4.89 15.80
CA PHE A 188 4.35 4.91 17.24
C PHE A 188 5.79 4.50 17.51
N SER A 189 6.21 3.41 16.88
CA SER A 189 7.55 2.87 17.09
C SER A 189 8.60 3.94 16.82
N CYS A 190 8.40 4.69 15.73
CA CYS A 190 9.26 5.80 15.33
C CYS A 190 9.23 6.98 16.32
N LEU A 191 8.04 7.36 16.76
CA LEU A 191 7.89 8.44 17.74
C LEU A 191 8.66 8.14 19.03
N GLU A 192 8.61 6.87 19.45
CA GLU A 192 9.32 6.41 20.62
C GLU A 192 10.83 6.53 20.42
N LEU A 193 11.35 5.87 19.39
CA LEU A 193 12.79 5.87 19.13
C LEU A 193 13.34 7.26 18.80
N SER A 194 12.47 8.18 18.40
CA SER A 194 12.87 9.56 18.11
C SER A 194 12.66 10.51 19.29
N ASN A 195 11.83 10.09 20.24
CA ASN A 195 11.40 10.92 21.36
C ASN A 195 10.93 12.32 20.93
N LEU A 196 10.05 12.35 19.94
CA LEU A 196 9.53 13.60 19.37
C LEU A 196 8.30 14.13 20.11
N ASN A 197 7.58 13.23 20.79
CA ASN A 197 6.52 13.63 21.72
C ASN A 197 6.78 13.03 23.11
N PRO A 198 7.71 13.64 23.88
CA PRO A 198 8.03 13.09 25.20
C PRO A 198 6.89 13.24 26.20
N LYS A 199 5.95 14.16 25.93
CA LYS A 199 4.81 14.44 26.80
C LYS A 199 3.75 13.33 26.78
N GLN A 200 3.94 12.36 25.90
CA GLN A 200 3.06 11.19 25.83
C GLN A 200 3.86 9.90 25.63
N ARG A 201 5.11 9.95 26.09
CA ARG A 201 6.06 8.82 26.07
C ARG A 201 5.41 7.49 26.47
N ASN A 202 4.76 7.48 27.63
CA ASN A 202 4.19 6.25 28.16
C ASN A 202 2.95 5.84 27.37
N ARG A 203 2.11 6.82 27.04
CA ARG A 203 0.87 6.58 26.31
C ARG A 203 1.15 5.82 25.01
N ILE A 204 2.23 6.22 24.34
CA ILE A 204 2.67 5.60 23.09
C ILE A 204 3.15 4.16 23.30
N ASN A 205 3.92 3.94 24.36
CA ASN A 205 4.43 2.61 24.65
C ASN A 205 3.31 1.60 24.83
N LEU A 206 2.25 2.03 25.50
CA LEU A 206 1.08 1.20 25.77
C LEU A 206 0.27 0.97 24.51
N ALA A 207 0.31 1.94 23.59
CA ALA A 207 -0.41 1.81 22.33
C ALA A 207 0.24 0.76 21.42
N LEU A 208 1.56 0.65 21.50
CA LEU A 208 2.31 -0.37 20.78
C LEU A 208 1.93 -1.77 21.20
N LYS A 209 1.90 -1.98 22.52
CA LYS A 209 1.51 -3.27 23.11
C LYS A 209 0.11 -3.67 22.63
N ARG A 210 -0.80 -2.70 22.61
CA ARG A 210 -2.15 -2.89 22.05
C ARG A 210 -2.10 -3.34 20.60
N VAL A 211 -1.36 -2.59 19.77
CA VAL A 211 -1.19 -2.91 18.36
C VAL A 211 -0.66 -4.33 18.13
N GLN A 212 0.34 -4.72 18.92
CA GLN A 212 0.90 -6.06 18.83
C GLN A 212 -0.16 -7.09 19.17
N GLU A 213 -0.96 -6.80 20.19
CA GLU A 213 -2.04 -7.67 20.65
C GLU A 213 -3.10 -7.91 19.59
N LYS A 214 -3.58 -6.83 18.97
CA LYS A 214 -4.65 -6.90 17.99
C LYS A 214 -4.24 -7.65 16.73
N ILE A 215 -2.99 -7.47 16.32
CA ILE A 215 -2.42 -8.20 15.19
C ILE A 215 -2.34 -9.72 15.43
N LEU A 216 -1.81 -10.14 16.58
CA LEU A 216 -1.76 -11.58 16.89
C LEU A 216 -3.16 -12.17 16.99
N LYS A 217 -4.09 -11.37 17.49
CA LYS A 217 -5.48 -11.80 17.58
C LYS A 217 -6.06 -12.02 16.19
N ALA A 218 -5.60 -11.23 15.22
CA ALA A 218 -6.10 -11.29 13.85
C ALA A 218 -5.53 -12.43 13.02
N GLN A 219 -4.64 -13.24 13.60
CA GLN A 219 -4.00 -14.33 12.88
C GLN A 219 -5.04 -15.39 12.48
N THR A 220 -4.92 -15.88 11.25
CA THR A 220 -5.86 -16.85 10.69
C THR A 220 -5.34 -18.27 10.88
N PRO A 221 -6.23 -19.28 10.75
CA PRO A 221 -5.79 -20.68 10.79
C PRO A 221 -4.59 -20.99 9.89
N GLU A 222 -4.51 -20.31 8.74
CA GLU A 222 -3.44 -20.51 7.76
C GLU A 222 -2.10 -19.95 8.26
N GLY A 223 -2.18 -18.92 9.11
CA GLY A 223 -0.99 -18.32 9.71
C GLY A 223 -0.80 -16.85 9.39
N TYR A 224 -1.58 -16.33 8.44
CA TYR A 224 -1.47 -14.94 8.03
C TYR A 224 -2.02 -14.04 9.11
N PHE A 225 -1.49 -12.81 9.19
CA PHE A 225 -2.11 -11.77 10.01
C PHE A 225 -3.10 -10.99 9.15
N GLY A 226 -4.39 -11.29 9.33
CA GLY A 226 -5.46 -10.70 8.51
C GLY A 226 -5.64 -11.50 7.24
N ASN A 227 -4.69 -11.33 6.32
CA ASN A 227 -4.58 -12.14 5.13
C ASN A 227 -3.14 -12.10 4.64
N VAL A 228 -2.84 -12.85 3.58
CA VAL A 228 -1.48 -12.94 3.08
C VAL A 228 -0.88 -11.55 2.79
N TYR A 229 -1.68 -10.65 2.25
CA TYR A 229 -1.19 -9.34 1.83
C TYR A 229 -0.94 -8.36 2.99
N SER A 230 -1.63 -8.57 4.13
CA SER A 230 -1.40 -7.77 5.33
C SER A 230 -0.18 -8.28 6.06
N THR A 231 0.20 -9.52 5.75
CA THR A 231 1.27 -10.18 6.51
C THR A 231 2.60 -9.43 6.46
N PRO A 232 3.08 -9.02 5.25
CA PRO A 232 4.37 -8.31 5.23
C PRO A 232 4.41 -7.07 6.11
N LEU A 233 3.37 -6.22 6.06
CA LEU A 233 3.34 -5.02 6.93
C LEU A 233 3.32 -5.41 8.40
N ALA A 234 2.50 -6.40 8.73
CA ALA A 234 2.47 -6.93 10.10
C ALA A 234 3.87 -7.32 10.54
N LEU A 235 4.60 -8.02 9.67
CA LEU A 235 5.95 -8.47 9.99
C LEU A 235 6.93 -7.30 10.06
N GLN A 236 6.74 -6.29 9.23
CA GLN A 236 7.54 -5.07 9.31
C GLN A 236 7.50 -4.44 10.70
N LEU A 237 6.31 -4.40 11.29
CA LEU A 237 6.12 -3.85 12.64
C LEU A 237 6.64 -4.81 13.68
N LEU A 238 6.35 -6.10 13.50
CA LEU A 238 6.64 -7.09 14.55
C LEU A 238 8.11 -7.41 14.71
N MET A 239 8.89 -7.32 13.64
CA MET A 239 10.34 -7.50 13.74
C MET A 239 10.99 -6.39 14.58
N GLY A 240 10.18 -5.39 14.95
CA GLY A 240 10.60 -4.29 15.83
C GLY A 240 10.56 -4.62 17.33
N SER A 241 10.19 -5.86 17.65
CA SER A 241 10.35 -6.47 19.00
C SER A 241 9.94 -5.60 20.19
N LEU A 242 10.94 -5.35 21.06
CA LEU A 242 10.76 -4.65 22.36
C LEU A 242 9.67 -5.24 23.26
N ARG A 243 9.20 -6.44 22.91
CA ARG A 243 8.19 -7.17 23.67
C ARG A 243 8.28 -8.69 23.37
N PRO A 244 9.52 -9.25 23.39
CA PRO A 244 9.67 -10.64 22.94
C PRO A 244 8.80 -11.58 23.78
N SER A 245 8.05 -12.44 23.12
CA SER A 245 7.03 -13.27 23.79
C SER A 245 7.00 -14.69 23.24
N VAL A 246 6.48 -15.62 24.05
CA VAL A 246 6.31 -17.00 23.61
C VAL A 246 5.16 -17.06 22.59
N GLU A 247 4.08 -16.34 22.87
CA GLU A 247 2.96 -16.26 21.93
C GLU A 247 3.39 -15.58 20.64
N LEU A 248 4.22 -14.53 20.76
CA LEU A 248 4.67 -13.75 19.60
C LEU A 248 5.64 -14.52 18.71
N GLY A 249 6.52 -15.31 19.32
CA GLY A 249 7.42 -16.16 18.59
C GLY A 249 6.69 -17.22 17.79
N THR A 250 5.70 -17.84 18.41
CA THR A 250 4.88 -18.87 17.76
C THR A 250 4.14 -18.25 16.59
N ALA A 251 3.47 -17.12 16.85
CA ALA A 251 2.73 -16.39 15.83
C ALA A 251 3.64 -16.05 14.65
N CYS A 252 4.80 -15.46 14.95
CA CYS A 252 5.74 -15.05 13.91
C CYS A 252 6.28 -16.21 13.08
N LEU A 253 6.59 -17.33 13.73
CA LEU A 253 7.08 -18.50 13.00
C LEU A 253 5.99 -19.02 12.06
N LYS A 254 4.76 -19.02 12.56
CA LYS A 254 3.61 -19.54 11.82
C LYS A 254 3.31 -18.63 10.62
N ALA A 255 3.31 -17.32 10.88
CA ALA A 255 3.12 -16.30 9.85
C ALA A 255 4.15 -16.43 8.73
N LYS A 256 5.40 -16.67 9.11
CA LYS A 256 6.51 -16.74 8.15
C LYS A 256 6.40 -17.95 7.23
N ALA A 257 6.05 -19.10 7.81
CA ALA A 257 5.89 -20.31 7.03
C ALA A 257 4.80 -20.08 5.99
N ALA A 258 3.70 -19.47 6.43
CA ALA A 258 2.58 -19.16 5.55
C ALA A 258 2.99 -18.24 4.41
N LEU A 259 3.81 -17.24 4.71
CA LEU A 259 4.25 -16.30 3.71
C LEU A 259 5.14 -16.96 2.67
N GLN A 260 6.14 -17.70 3.13
CA GLN A 260 7.05 -18.45 2.24
C GLN A 260 6.29 -19.42 1.33
N ALA A 261 5.21 -20.01 1.85
CA ALA A 261 4.39 -20.93 1.08
C ALA A 261 3.71 -20.24 -0.10
N SER A 262 3.08 -19.10 0.14
CA SER A 262 2.40 -18.33 -0.89
C SER A 262 3.38 -17.87 -1.99
N LEU A 263 4.63 -17.69 -1.60
CA LEU A 263 5.70 -17.27 -2.51
C LEU A 263 5.99 -18.31 -3.60
N GLN A 264 5.80 -19.58 -3.27
CA GLN A 264 5.97 -20.67 -4.23
C GLN A 264 4.86 -20.70 -5.27
N HIS A 265 3.78 -19.96 -5.01
CA HIS A 265 2.55 -20.00 -5.82
C HIS A 265 2.21 -18.70 -6.56
N LYS A 266 3.17 -17.79 -6.64
CA LYS A 266 3.00 -16.56 -7.41
C LYS A 266 1.87 -15.67 -6.88
N THR A 267 1.70 -15.70 -5.56
CA THR A 267 0.69 -14.90 -4.88
C THR A 267 0.84 -13.38 -5.07
N PHE A 268 2.07 -12.89 -5.02
CA PHE A 268 2.32 -11.46 -5.15
C PHE A 268 2.58 -11.04 -6.58
N GLN A 269 1.66 -10.31 -7.16
CA GLN A 269 1.79 -9.85 -8.53
C GLN A 269 1.74 -8.32 -8.58
N ASN A 270 1.05 -7.75 -7.59
CA ASN A 270 0.84 -6.33 -7.51
C ASN A 270 2.12 -5.62 -7.14
N PRO A 271 2.57 -4.68 -7.97
CA PRO A 271 3.80 -3.94 -7.68
C PRO A 271 3.84 -3.35 -6.26
N LEU A 272 2.75 -2.75 -5.78
CA LEU A 272 2.80 -2.15 -4.46
C LEU A 272 2.96 -3.23 -3.37
N MET A 273 2.30 -4.36 -3.55
CA MET A 273 2.44 -5.45 -2.60
C MET A 273 3.90 -5.91 -2.53
N ILE A 274 4.49 -6.21 -3.68
CA ILE A 274 5.89 -6.63 -3.72
C ILE A 274 6.75 -5.58 -3.01
N SER A 275 6.48 -4.30 -3.27
CA SER A 275 7.25 -3.23 -2.64
C SER A 275 7.12 -3.22 -1.12
N GLN A 276 6.06 -3.84 -0.60
CA GLN A 276 5.89 -3.95 0.85
C GLN A 276 6.51 -5.23 1.36
N LEU A 277 6.61 -6.24 0.49
CA LEU A 277 7.16 -7.55 0.82
C LEU A 277 8.67 -7.56 0.82
N LEU A 278 9.27 -7.04 -0.25
CA LEU A 278 10.73 -7.05 -0.39
C LEU A 278 11.50 -6.58 0.87
N PRO A 279 11.12 -5.42 1.46
CA PRO A 279 11.84 -5.01 2.67
C PRO A 279 11.87 -6.10 3.74
N VAL A 280 10.73 -6.76 3.96
CA VAL A 280 10.63 -7.86 4.93
C VAL A 280 11.57 -9.03 4.61
N LEU A 281 11.62 -9.45 3.34
CA LEU A 281 12.52 -10.52 2.92
C LEU A 281 13.98 -10.11 3.04
N ASN A 282 14.20 -8.83 3.36
CA ASN A 282 15.54 -8.29 3.57
C ASN A 282 15.75 -7.79 5.01
N GLN A 283 14.87 -8.20 5.93
CA GLN A 283 14.95 -7.85 7.35
C GLN A 283 14.94 -6.35 7.59
N LYS A 284 14.10 -5.66 6.82
CA LYS A 284 13.95 -4.23 6.97
C LYS A 284 12.49 -3.79 7.02
N SER A 285 12.23 -2.67 7.69
CA SER A 285 10.91 -2.08 7.71
C SER A 285 10.99 -0.58 7.45
N TYR A 286 9.83 0.06 7.30
CA TYR A 286 9.81 1.51 7.16
C TYR A 286 10.44 2.25 8.34
N VAL A 287 10.50 1.60 9.51
CA VAL A 287 11.08 2.21 10.69
C VAL A 287 12.59 2.31 10.56
N ASP A 288 13.18 1.49 9.70
CA ASP A 288 14.61 1.58 9.40
C ASP A 288 14.97 2.88 8.66
N LEU A 289 13.96 3.62 8.20
CA LEU A 289 14.20 4.88 7.50
C LEU A 289 14.55 6.04 8.44
N ILE A 290 14.54 5.75 9.75
CA ILE A 290 15.05 6.69 10.75
C ILE A 290 16.53 6.94 10.46
N SER A 291 17.30 5.86 10.39
CA SER A 291 18.68 5.92 9.93
C SER A 291 18.90 4.81 8.92
N PRO A 292 18.69 5.12 7.63
CA PRO A 292 18.90 4.19 6.54
C PRO A 292 20.39 3.93 6.28
N ASP A 293 20.69 2.79 5.69
CA ASP A 293 22.06 2.42 5.35
C ASP A 293 22.14 2.37 3.84
N CYS A 294 22.61 3.45 3.24
CA CYS A 294 22.73 3.53 1.78
C CYS A 294 24.07 2.98 1.26
N GLN A 295 24.90 2.44 2.17
CA GLN A 295 26.18 1.87 1.77
C GLN A 295 26.07 0.39 1.40
N ALA A 296 25.12 -0.31 2.03
CA ALA A 296 24.94 -1.75 1.81
C ALA A 296 24.78 -2.08 0.32
N PRO A 297 25.52 -3.09 -0.18
CA PRO A 297 25.34 -3.40 -1.61
C PRO A 297 24.07 -4.20 -1.83
N ARG A 298 23.54 -4.18 -3.05
CA ARG A 298 22.37 -4.98 -3.40
C ARG A 298 22.67 -5.77 -4.68
N ALA A 299 21.87 -6.79 -4.97
CA ALA A 299 22.09 -7.55 -6.19
C ALA A 299 21.42 -6.86 -7.37
N LEU A 300 22.18 -6.60 -8.42
CA LEU A 300 21.61 -5.96 -9.60
C LEU A 300 20.62 -6.85 -10.31
N LEU A 301 19.40 -6.35 -10.50
CA LEU A 301 18.39 -7.00 -11.33
C LEU A 301 18.64 -6.69 -12.80
N GLU A 302 18.49 -7.69 -13.65
CA GLU A 302 18.74 -7.53 -15.07
C GLU A 302 17.44 -7.81 -15.81
N PRO A 303 17.23 -7.15 -16.96
CA PRO A 303 15.98 -7.39 -17.69
C PRO A 303 15.71 -8.88 -17.85
N ALA A 304 14.50 -9.32 -17.46
CA ALA A 304 14.07 -10.72 -17.65
C ALA A 304 14.15 -11.08 -19.13
N LEU A 305 13.43 -10.30 -19.94
CA LEU A 305 13.67 -10.19 -21.39
C LEU A 305 13.41 -11.46 -22.23
N GLU A 306 12.51 -12.34 -21.76
CA GLU A 306 12.32 -13.64 -22.42
C GLU A 306 10.94 -14.31 -22.29
N THR A 307 9.93 -13.56 -21.84
CA THR A 307 8.58 -14.11 -21.52
C THR A 307 8.10 -15.25 -22.45
N PRO A 308 8.15 -16.51 -21.95
CA PRO A 308 7.94 -17.75 -22.72
C PRO A 308 6.71 -17.76 -23.65
N PRO A 309 6.91 -18.14 -24.94
CA PRO A 309 5.86 -18.22 -25.98
C PRO A 309 5.16 -19.58 -26.12
N GLN A 310 3.83 -19.55 -26.20
CA GLN A 310 3.03 -20.79 -26.27
C GLN A 310 2.89 -21.34 -27.70
N ALA A 311 2.23 -20.57 -28.57
CA ALA A 311 1.75 -21.04 -29.89
C ALA A 311 0.71 -22.14 -29.76
N LYS A 312 0.22 -22.35 -28.54
CA LYS A 312 -0.90 -23.23 -28.25
C LYS A 312 -2.21 -22.46 -28.34
N VAL A 313 -3.31 -23.19 -28.53
CA VAL A 313 -4.64 -22.64 -28.30
C VAL A 313 -4.87 -22.71 -26.78
N PRO A 314 -5.18 -21.57 -26.14
CA PRO A 314 -5.37 -21.60 -24.69
C PRO A 314 -6.71 -22.27 -24.29
N LYS A 315 -6.80 -22.41 -22.86
CA LYS A 315 -8.12 -22.60 -22.26
C LYS A 315 -8.86 -21.27 -22.26
N PHE A 316 -10.18 -21.33 -22.42
CA PHE A 316 -11.04 -20.18 -22.15
C PHE A 316 -11.80 -20.43 -20.86
N ILE A 317 -12.21 -19.36 -20.23
CA ILE A 317 -13.02 -19.46 -19.05
C ILE A 317 -14.32 -18.74 -19.36
N ASP A 318 -15.41 -19.26 -18.81
CA ASP A 318 -16.68 -18.61 -18.93
C ASP A 318 -16.94 -17.99 -17.57
N VAL A 319 -17.10 -16.68 -17.55
CA VAL A 319 -17.30 -15.98 -16.28
C VAL A 319 -18.53 -15.08 -16.32
N LEU A 320 -19.24 -15.00 -15.20
CA LEU A 320 -20.43 -14.16 -15.06
C LEU A 320 -20.09 -12.88 -14.29
N LEU A 321 -20.38 -11.73 -14.89
CA LEU A 321 -20.18 -10.46 -14.24
C LEU A 321 -21.52 -9.95 -13.74
N LYS A 322 -21.59 -9.58 -12.47
CA LYS A 322 -22.83 -8.98 -11.97
C LYS A 322 -22.55 -7.75 -11.14
N VAL A 323 -23.51 -6.83 -11.17
CA VAL A 323 -23.38 -5.52 -10.53
C VAL A 323 -24.56 -5.35 -9.60
N SER A 324 -24.29 -5.07 -8.32
CA SER A 324 -25.36 -4.88 -7.36
C SER A 324 -25.14 -3.66 -6.49
N GLY A 325 -26.14 -3.34 -5.66
CA GLY A 325 -26.07 -2.16 -4.81
C GLY A 325 -26.56 -0.90 -5.51
N ILE A 326 -27.04 -1.06 -6.73
CA ILE A 326 -27.62 0.02 -7.51
C ILE A 326 -28.81 -0.50 -8.27
N SER A 327 -29.74 0.42 -8.59
CA SER A 327 -30.88 0.08 -9.44
C SER A 327 -30.70 0.75 -10.81
N PRO A 328 -30.77 -0.04 -11.89
CA PRO A 328 -31.03 -1.47 -11.86
C PRO A 328 -29.76 -2.29 -11.65
N SER A 329 -29.90 -3.57 -11.31
CA SER A 329 -28.74 -4.47 -11.31
C SER A 329 -28.43 -4.87 -12.75
N TYR A 330 -27.23 -5.38 -12.99
CA TYR A 330 -26.77 -5.71 -14.33
C TYR A 330 -25.99 -7.01 -14.31
N ARG A 331 -26.14 -7.81 -15.36
CA ARG A 331 -25.39 -9.05 -15.51
C ARG A 331 -24.79 -9.18 -16.91
N HIS A 332 -23.67 -9.87 -17.01
CA HIS A 332 -22.97 -9.99 -18.29
C HIS A 332 -22.22 -11.31 -18.39
N SER A 333 -22.34 -11.97 -19.53
CA SER A 333 -21.69 -13.25 -19.76
C SER A 333 -20.47 -12.99 -20.64
N VAL A 334 -19.28 -13.44 -20.19
CA VAL A 334 -18.08 -13.33 -21.03
C VAL A 334 -17.25 -14.61 -20.98
N SER A 335 -16.77 -15.05 -22.15
CA SER A 335 -15.74 -16.09 -22.24
C SER A 335 -14.46 -15.47 -22.77
N VAL A 336 -13.39 -15.61 -22.00
CA VAL A 336 -12.10 -14.97 -22.29
C VAL A 336 -11.00 -15.96 -22.01
N PRO A 337 -9.78 -15.71 -22.55
CA PRO A 337 -8.71 -16.67 -22.35
C PRO A 337 -8.36 -16.75 -20.88
N ALA A 338 -8.17 -17.97 -20.38
CA ALA A 338 -7.72 -18.17 -19.00
C ALA A 338 -6.50 -17.29 -18.71
N GLY A 339 -6.44 -16.71 -17.52
CA GLY A 339 -5.34 -15.82 -17.18
C GLY A 339 -5.70 -14.36 -17.40
N SER A 340 -6.87 -14.11 -18.02
CA SER A 340 -7.37 -12.76 -18.22
C SER A 340 -7.68 -12.17 -16.89
N SER A 341 -7.42 -10.88 -16.73
CA SER A 341 -7.65 -10.19 -15.46
C SER A 341 -9.10 -9.73 -15.40
N LEU A 342 -9.59 -9.41 -14.20
CA LEU A 342 -10.95 -8.89 -14.09
C LEU A 342 -11.08 -7.61 -14.93
N GLU A 343 -10.06 -6.74 -14.85
CA GLU A 343 -10.04 -5.51 -15.64
C GLU A 343 -10.24 -5.76 -17.15
N ASP A 344 -9.63 -6.82 -17.67
CA ASP A 344 -9.75 -7.21 -19.08
C ASP A 344 -11.20 -7.55 -19.39
N ILE A 345 -11.84 -8.24 -18.46
CA ILE A 345 -13.22 -8.67 -18.61
C ILE A 345 -14.15 -7.46 -18.61
N LEU A 346 -13.83 -6.48 -17.76
CA LEU A 346 -14.54 -5.22 -17.73
C LEU A 346 -14.45 -4.47 -19.06
N LYS A 347 -13.22 -4.27 -19.54
CA LYS A 347 -13.00 -3.58 -20.80
C LYS A 347 -13.74 -4.30 -21.92
N ASN A 348 -13.73 -5.63 -21.86
CA ASN A 348 -14.44 -6.45 -22.83
C ASN A 348 -15.94 -6.14 -22.81
N ALA A 349 -16.56 -6.28 -21.65
CA ALA A 349 -17.98 -5.99 -21.49
C ALA A 349 -18.35 -4.59 -21.93
N GLN A 350 -17.47 -3.63 -21.68
CA GLN A 350 -17.69 -2.26 -22.09
C GLN A 350 -17.65 -2.14 -23.61
N GLU A 351 -16.65 -2.79 -24.20
CA GLU A 351 -16.43 -2.82 -25.65
C GLU A 351 -17.55 -3.52 -26.41
N HIS A 352 -17.97 -4.69 -25.90
CA HIS A 352 -18.93 -5.54 -26.61
C HIS A 352 -20.26 -5.66 -25.87
N GLY A 353 -20.73 -4.55 -25.31
CA GLY A 353 -21.98 -4.56 -24.56
C GLY A 353 -22.37 -3.28 -23.86
N ARG A 354 -23.35 -3.45 -22.98
CA ARG A 354 -24.02 -2.35 -22.31
C ARG A 354 -23.31 -1.91 -21.04
N PHE A 355 -22.14 -2.48 -20.78
CA PHE A 355 -21.43 -2.21 -19.55
C PHE A 355 -20.57 -0.96 -19.72
N ARG A 356 -20.34 -0.26 -18.61
CA ARG A 356 -19.35 0.81 -18.55
C ARG A 356 -18.82 1.01 -17.14
N PHE A 357 -17.58 1.48 -17.05
CA PHE A 357 -16.94 1.65 -15.75
C PHE A 357 -15.82 2.67 -15.86
N ARG A 358 -15.43 3.21 -14.71
CA ARG A 358 -14.39 4.19 -14.62
C ARG A 358 -13.52 3.83 -13.41
N THR A 359 -12.21 3.89 -13.64
CA THR A 359 -11.25 3.65 -12.60
C THR A 359 -10.44 4.90 -12.48
N GLN A 360 -9.85 5.14 -11.33
CA GLN A 360 -8.81 6.16 -11.27
C GLN A 360 -7.50 5.62 -10.71
N ALA A 361 -6.40 6.27 -11.08
CA ALA A 361 -5.06 5.84 -10.73
C ALA A 361 -4.81 5.80 -9.23
N SER A 362 -3.99 4.84 -8.80
CA SER A 362 -3.52 4.77 -7.43
C SER A 362 -2.20 4.03 -7.45
N LEU A 363 -1.50 4.07 -6.32
CA LEU A 363 -0.23 3.36 -6.20
C LEU A 363 -0.36 1.85 -6.23
N SER A 364 -1.60 1.33 -6.12
CA SER A 364 -1.87 -0.09 -6.25
C SER A 364 -2.37 -0.41 -7.65
N GLY A 365 -2.41 0.60 -8.51
CA GLY A 365 -2.95 0.45 -9.84
C GLY A 365 -4.38 0.95 -9.90
N PRO A 366 -5.12 0.54 -10.96
CA PRO A 366 -6.47 1.03 -11.25
C PRO A 366 -7.49 0.65 -10.18
N PHE A 367 -8.01 1.67 -9.50
CA PHE A 367 -8.98 1.55 -8.44
C PHE A 367 -10.34 1.82 -9.07
N LEU A 368 -11.22 0.83 -9.07
CA LEU A 368 -12.59 0.99 -9.62
C LEU A 368 -13.38 2.01 -8.83
N THR A 369 -13.66 3.15 -9.45
CA THR A 369 -14.38 4.25 -8.82
C THR A 369 -15.85 4.40 -9.22
N SER A 370 -16.24 3.88 -10.39
CA SER A 370 -17.58 4.08 -10.92
C SER A 370 -17.99 2.93 -11.81
N VAL A 371 -19.24 2.49 -11.66
CA VAL A 371 -19.78 1.39 -12.46
C VAL A 371 -21.16 1.79 -12.96
N LEU A 372 -21.36 1.63 -14.26
CA LEU A 372 -22.64 1.90 -14.93
C LEU A 372 -23.14 3.31 -14.67
N GLY A 373 -22.19 4.23 -14.58
CA GLY A 373 -22.51 5.64 -14.47
C GLY A 373 -22.78 6.03 -13.04
N ARG A 374 -22.65 5.06 -12.13
CA ARG A 374 -22.80 5.31 -10.70
C ARG A 374 -21.46 5.32 -10.00
N LYS A 375 -21.05 6.51 -9.60
CA LYS A 375 -19.75 6.72 -8.97
C LYS A 375 -19.91 6.62 -7.47
N ALA A 376 -19.00 5.90 -6.82
CA ALA A 376 -19.02 5.81 -5.35
C ALA A 376 -18.74 7.18 -4.72
N GLY A 377 -19.62 7.59 -3.79
CA GLY A 377 -19.47 8.85 -3.07
C GLY A 377 -18.65 8.74 -1.80
N GLU A 378 -19.05 9.48 -0.77
CA GLU A 378 -18.20 9.72 0.42
C GLU A 378 -17.73 8.49 1.19
N ARG A 379 -18.63 7.76 1.84
CA ARG A 379 -18.14 6.53 2.49
C ARG A 379 -18.62 5.28 1.79
N GLU A 380 -18.62 5.34 0.45
CA GLU A 380 -18.95 4.20 -0.38
C GLU A 380 -17.71 3.72 -1.15
N PHE A 381 -17.76 2.47 -1.59
CA PHE A 381 -16.80 1.99 -2.56
C PHE A 381 -17.35 0.79 -3.30
N TRP A 382 -16.86 0.60 -4.52
CA TRP A 382 -17.15 -0.60 -5.29
C TRP A 382 -16.36 -1.78 -4.76
N GLN A 383 -17.06 -2.69 -4.11
CA GLN A 383 -16.44 -3.87 -3.57
C GLN A 383 -16.44 -4.91 -4.65
N VAL A 384 -15.39 -5.72 -4.69
CA VAL A 384 -15.34 -6.80 -5.66
C VAL A 384 -15.37 -8.12 -4.92
N LEU A 385 -16.28 -9.00 -5.35
CA LEU A 385 -16.47 -10.31 -4.71
C LEU A 385 -16.62 -11.45 -5.71
N ARG A 386 -16.24 -12.64 -5.27
CA ARG A 386 -16.49 -13.85 -5.99
C ARG A 386 -17.68 -14.43 -5.27
N ASP A 387 -18.66 -14.89 -6.02
CA ASP A 387 -19.88 -15.46 -5.46
C ASP A 387 -19.51 -16.80 -4.85
N PRO A 388 -20.05 -17.12 -3.65
CA PRO A 388 -20.96 -16.28 -2.87
C PRO A 388 -20.28 -15.50 -1.75
N ASP A 389 -20.46 -14.18 -1.79
CA ASP A 389 -20.02 -13.27 -0.72
C ASP A 389 -18.56 -13.36 -0.24
N THR A 390 -17.63 -13.73 -1.11
CA THR A 390 -16.21 -13.71 -0.75
C THR A 390 -15.52 -12.50 -1.38
N PRO A 391 -15.19 -11.50 -0.56
CA PRO A 391 -14.49 -10.34 -1.13
C PRO A 391 -13.12 -10.75 -1.66
N LEU A 392 -12.77 -10.25 -2.84
CA LEU A 392 -11.48 -10.56 -3.44
C LEU A 392 -10.36 -9.93 -2.61
N GLN A 393 -9.15 -10.45 -2.78
CA GLN A 393 -7.99 -9.92 -2.09
C GLN A 393 -7.01 -9.30 -3.08
N GLN A 394 -7.50 -9.08 -4.30
CA GLN A 394 -6.72 -8.48 -5.35
C GLN A 394 -7.65 -7.55 -6.09
N GLY A 395 -7.11 -6.46 -6.61
CA GLY A 395 -7.90 -5.51 -7.38
C GLY A 395 -8.17 -5.99 -8.79
N ILE A 396 -8.86 -5.19 -9.59
CA ILE A 396 -9.30 -5.63 -10.91
C ILE A 396 -8.17 -6.04 -11.85
N ALA A 397 -7.04 -5.34 -11.76
CA ALA A 397 -5.92 -5.57 -12.68
C ALA A 397 -5.13 -6.82 -12.35
N ASP A 398 -5.15 -7.23 -11.09
CA ASP A 398 -4.36 -8.37 -10.65
C ASP A 398 -5.19 -9.64 -10.51
N TYR A 399 -6.48 -9.53 -10.21
CA TYR A 399 -7.30 -10.71 -10.02
C TYR A 399 -7.59 -11.36 -11.35
N ARG A 400 -7.13 -12.59 -11.49
CA ARG A 400 -7.38 -13.37 -12.68
C ARG A 400 -8.42 -14.45 -12.34
N PRO A 401 -9.68 -14.22 -12.77
CA PRO A 401 -10.78 -15.13 -12.44
C PRO A 401 -10.55 -16.56 -12.91
N LYS A 402 -11.20 -17.48 -12.20
CA LYS A 402 -11.16 -18.91 -12.52
C LYS A 402 -12.43 -19.27 -13.26
N ASP A 403 -12.42 -20.41 -13.95
CA ASP A 403 -13.56 -20.87 -14.74
C ASP A 403 -14.81 -21.16 -13.91
N GLY A 404 -15.94 -20.67 -14.38
CA GLY A 404 -17.20 -20.86 -13.69
C GLY A 404 -17.59 -19.73 -12.77
N GLU A 405 -16.63 -18.89 -12.39
CA GLU A 405 -16.85 -17.84 -11.40
C GLU A 405 -17.90 -16.83 -11.79
N THR A 406 -18.62 -16.36 -10.76
CA THR A 406 -19.47 -15.18 -10.86
C THR A 406 -18.74 -14.08 -10.10
N ILE A 407 -18.43 -12.99 -10.78
CA ILE A 407 -17.74 -11.87 -10.14
C ILE A 407 -18.71 -10.71 -9.94
N GLU A 408 -18.76 -10.20 -8.70
CA GLU A 408 -19.73 -9.16 -8.32
C GLU A 408 -19.08 -7.82 -8.02
N LEU A 409 -19.54 -6.77 -8.68
CA LEU A 409 -19.15 -5.42 -8.30
C LEU A 409 -20.28 -4.85 -7.46
N ARG A 410 -20.05 -4.75 -6.16
CA ARG A 410 -21.11 -4.36 -5.24
C ARG A 410 -20.82 -2.99 -4.61
N LEU A 411 -21.75 -2.05 -4.75
CA LEU A 411 -21.60 -0.75 -4.10
C LEU A 411 -21.93 -0.90 -2.63
N VAL A 412 -20.94 -0.69 -1.77
CA VAL A 412 -21.14 -0.89 -0.33
C VAL A 412 -20.89 0.38 0.47
N GLY A 413 -21.50 0.42 1.65
CA GLY A 413 -21.43 1.58 2.54
C GLY A 413 -20.62 1.28 3.78
N TRP A 414 -19.34 1.67 3.74
CA TRP A 414 -18.39 1.47 4.83
C TRP A 414 -18.08 2.80 5.53
#